data_5ETB
#
_entry.id   5ETB
#
_cell.length_a   60.370
_cell.length_b   60.370
_cell.length_c   63.500
_cell.angle_alpha   90.00
_cell.angle_beta   90.00
_cell.angle_gamma   120.00
#
_symmetry.space_group_name_H-M   'P 32 2 1'
#
loop_
_entity.id
_entity.type
_entity.pdbx_description
1 polymer Peregrin
2 non-polymer 1-(7-methyl-1~{H}-indol-3-yl)ethanone
3 non-polymer 'NITRATE ION'
4 water water
#
_entity_poly.entity_id   1
_entity_poly.type   'polypeptide(L)'
_entity_poly.pdbx_seq_one_letter_code
;SMEMQLTPFLILLRKTLEQLQEKDTGNIFSEPVPLSEVPDYLDHIKKPMDFFTMKQNLEAYRYLNFDDFEEDFNLIVSNC
LKYNAKDTIFYRAAVRLREQGGAVLRQARRQAEKMG
;
_entity_poly.pdbx_strand_id   A
#
loop_
_chem_comp.id
_chem_comp.type
_chem_comp.name
_chem_comp.formula
5RO non-polymer 1-(7-methyl-1~{H}-indol-3-yl)ethanone 'C11 H11 N O'
NO3 non-polymer 'NITRATE ION' 'N O3 -1'
#
# COMPACT_ATOMS: atom_id res chain seq x y z
N MET A 4 -14.17 -12.17 15.91
CA MET A 4 -13.29 -13.08 15.20
C MET A 4 -11.91 -13.13 15.86
N GLN A 5 -11.13 -14.14 15.50
CA GLN A 5 -9.82 -14.36 16.10
C GLN A 5 -8.76 -13.48 15.45
N LEU A 6 -7.82 -13.00 16.27
CA LEU A 6 -6.81 -12.06 15.79
C LEU A 6 -5.77 -12.75 14.89
N THR A 7 -5.24 -13.87 15.33
CA THR A 7 -4.12 -14.50 14.62
C THR A 7 -4.42 -14.84 13.16
N PRO A 8 -5.55 -15.49 12.83
CA PRO A 8 -5.80 -15.74 11.40
C PRO A 8 -5.96 -14.49 10.59
N PHE A 9 -6.48 -13.42 11.20
CA PHE A 9 -6.61 -12.15 10.50
C PHE A 9 -5.23 -11.58 10.16
N LEU A 10 -4.30 -11.60 11.12
CA LEU A 10 -2.98 -11.08 10.82
C LEU A 10 -2.24 -11.94 9.80
N ILE A 11 -2.42 -13.26 9.86
CA ILE A 11 -1.83 -14.14 8.85
C ILE A 11 -2.33 -13.76 7.47
N LEU A 12 -3.64 -13.52 7.35
CA LEU A 12 -4.23 -13.08 6.09
C LEU A 12 -3.62 -11.75 5.63
N LEU A 13 -3.48 -10.78 6.55
CA LEU A 13 -2.93 -9.49 6.13
C LEU A 13 -1.48 -9.63 5.68
N ARG A 14 -0.69 -10.48 6.36
CA ARG A 14 0.69 -10.70 5.93
C ARG A 14 0.74 -11.26 4.51
N LYS A 15 -0.09 -12.26 4.23
CA LYS A 15 -0.12 -12.85 2.90
C LYS A 15 -0.55 -11.83 1.88
N THR A 16 -1.57 -11.03 2.21
CA THR A 16 -2.09 -10.01 1.31
C THR A 16 -1.02 -8.96 1.02
N LEU A 17 -0.30 -8.52 2.04
CA LEU A 17 0.77 -7.55 1.82
C LEU A 17 1.85 -8.10 0.91
N GLU A 18 2.21 -9.37 1.07
CA GLU A 18 3.18 -9.98 0.17
C GLU A 18 2.67 -10.01 -1.26
N GLN A 19 1.40 -10.33 -1.45
CA GLN A 19 0.82 -10.34 -2.80
C GLN A 19 0.82 -8.95 -3.41
N LEU A 20 0.54 -7.93 -2.61
CA LEU A 20 0.57 -6.56 -3.13
C LEU A 20 1.99 -6.16 -3.54
N GLN A 21 2.97 -6.48 -2.71
CA GLN A 21 4.36 -6.16 -3.05
C GLN A 21 4.78 -6.86 -4.34
N GLU A 22 4.27 -8.06 -4.59
CA GLU A 22 4.59 -8.77 -5.83
C GLU A 22 4.07 -8.01 -7.05
N LYS A 23 2.97 -7.27 -6.92
CA LYS A 23 2.46 -6.47 -8.04
C LYS A 23 3.36 -5.28 -8.35
N ASP A 24 4.05 -4.76 -7.34
CA ASP A 24 4.96 -3.62 -7.51
C ASP A 24 6.31 -4.16 -7.99
N THR A 25 6.38 -4.48 -9.28
CA THR A 25 7.56 -5.18 -9.78
C THR A 25 8.80 -4.29 -9.81
N GLY A 26 8.62 -2.98 -9.93
CA GLY A 26 9.76 -2.10 -9.85
C GLY A 26 10.22 -1.78 -8.44
N ASN A 27 9.47 -2.26 -7.44
CA ASN A 27 9.74 -1.99 -6.04
C ASN A 27 9.76 -0.49 -5.73
N ILE A 28 8.98 0.30 -6.47
CA ILE A 28 9.01 1.73 -6.22
C ILE A 28 8.29 2.10 -4.94
N PHE A 29 7.42 1.21 -4.43
CA PHE A 29 6.65 1.46 -3.21
C PHE A 29 7.17 0.65 -2.03
N SER A 30 8.34 0.00 -2.16
CA SER A 30 8.82 -0.90 -1.13
CA SER A 30 8.83 -0.90 -1.13
C SER A 30 9.26 -0.15 0.13
N GLU A 31 9.78 1.06 -0.01
CA GLU A 31 10.34 1.82 1.09
C GLU A 31 9.86 3.26 0.96
N PRO A 32 9.97 4.06 2.02
CA PRO A 32 9.52 5.46 1.92
C PRO A 32 10.17 6.16 0.75
N VAL A 33 9.40 7.04 0.10
CA VAL A 33 9.97 7.98 -0.86
C VAL A 33 11.16 8.68 -0.19
N PRO A 34 12.34 8.68 -0.80
CA PRO A 34 13.51 9.25 -0.11
C PRO A 34 13.48 10.77 -0.05
N LEU A 35 13.15 11.30 1.14
CA LEU A 35 12.91 12.73 1.26
C LEU A 35 14.18 13.54 1.01
N SER A 36 15.36 12.94 1.22
CA SER A 36 16.60 13.64 0.89
C SER A 36 16.70 13.95 -0.59
N GLU A 37 16.16 13.09 -1.44
CA GLU A 37 16.18 13.30 -2.88
C GLU A 37 14.98 14.08 -3.38
N VAL A 38 13.92 14.17 -2.58
CA VAL A 38 12.65 14.78 -3.00
C VAL A 38 12.25 15.79 -1.92
N PRO A 39 12.99 16.90 -1.77
CA PRO A 39 12.73 17.79 -0.62
C PRO A 39 11.40 18.52 -0.69
N ASP A 40 10.74 18.58 -1.83
CA ASP A 40 9.43 19.19 -1.92
C ASP A 40 8.29 18.20 -1.70
N TYR A 41 8.60 16.92 -1.47
CA TYR A 41 7.56 15.89 -1.40
C TYR A 41 6.52 16.22 -0.33
N LEU A 42 6.95 16.67 0.85
CA LEU A 42 6.03 16.97 1.93
C LEU A 42 5.25 18.26 1.71
N ASP A 43 5.65 19.09 0.73
CA ASP A 43 4.82 20.23 0.36
C ASP A 43 3.50 19.78 -0.26
N HIS A 44 3.51 18.62 -0.92
CA HIS A 44 2.34 18.11 -1.62
C HIS A 44 1.65 16.97 -0.89
N ILE A 45 2.38 16.19 -0.11
CA ILE A 45 1.91 14.91 0.43
C ILE A 45 1.89 15.00 1.95
N LYS A 46 0.70 14.88 2.55
CA LYS A 46 0.60 15.06 4.00
C LYS A 46 0.94 13.80 4.78
N LYS A 47 0.70 12.61 4.24
CA LYS A 47 1.02 11.37 4.93
C LYS A 47 1.68 10.39 3.99
N PRO A 48 3.01 10.38 3.93
CA PRO A 48 3.70 9.37 3.11
C PRO A 48 3.37 7.95 3.58
N MET A 49 3.43 7.01 2.64
CA MET A 49 3.19 5.60 2.97
C MET A 49 3.96 4.72 2.00
N ASP A 50 4.30 3.51 2.43
CA ASP A 50 5.05 2.55 1.63
C ASP A 50 4.85 1.17 2.26
N PHE A 51 5.28 0.14 1.54
CA PHE A 51 5.01 -1.23 2.01
C PHE A 51 5.82 -1.60 3.24
N PHE A 52 7.03 -1.06 3.40
CA PHE A 52 7.80 -1.36 4.61
C PHE A 52 7.11 -0.79 5.84
N THR A 53 6.65 0.46 5.75
CA THR A 53 5.90 1.06 6.84
C THR A 53 4.62 0.26 7.13
N MET A 54 3.95 -0.22 6.08
CA MET A 54 2.76 -1.04 6.29
C MET A 54 3.09 -2.31 7.05
N LYS A 55 4.20 -2.96 6.71
CA LYS A 55 4.61 -4.17 7.43
C LYS A 55 4.85 -3.86 8.91
N GLN A 56 5.53 -2.74 9.19
CA GLN A 56 5.76 -2.35 10.58
C GLN A 56 4.44 -2.12 11.31
N ASN A 57 3.50 -1.43 10.66
CA ASN A 57 2.20 -1.17 11.28
C ASN A 57 1.45 -2.47 11.53
N LEU A 58 1.50 -3.39 10.57
CA LEU A 58 0.85 -4.69 10.72
C LEU A 58 1.37 -5.41 11.95
N GLU A 59 2.70 -5.48 12.08
CA GLU A 59 3.30 -6.22 13.19
C GLU A 59 3.15 -5.49 14.52
N ALA A 60 2.86 -4.19 14.50
CA ALA A 60 2.56 -3.43 15.71
C ALA A 60 1.08 -3.47 16.06
N TYR A 61 0.30 -4.31 15.39
CA TYR A 61 -1.13 -4.49 15.68
C TYR A 61 -1.92 -3.21 15.43
N ARG A 62 -1.50 -2.40 14.47
CA ARG A 62 -2.22 -1.17 14.15
C ARG A 62 -3.36 -1.40 13.17
N TYR A 63 -3.39 -2.54 12.48
CA TYR A 63 -4.44 -2.89 11.53
C TYR A 63 -5.29 -4.00 12.15
N LEU A 64 -6.50 -3.65 12.59
CA LEU A 64 -7.39 -4.61 13.22
C LEU A 64 -8.65 -4.85 12.41
N ASN A 65 -8.81 -4.20 11.27
CA ASN A 65 -9.89 -4.47 10.36
C ASN A 65 -9.37 -4.23 8.96
N PHE A 66 -10.11 -4.70 7.97
CA PHE A 66 -9.56 -4.61 6.62
C PHE A 66 -9.46 -3.17 6.15
N ASP A 67 -10.39 -2.30 6.56
CA ASP A 67 -10.31 -0.89 6.19
C ASP A 67 -9.01 -0.23 6.66
N ASP A 68 -8.54 -0.56 7.87
CA ASP A 68 -7.28 -0.02 8.38
C ASP A 68 -6.16 -0.29 7.39
N PHE A 69 -6.11 -1.52 6.89
CA PHE A 69 -5.05 -1.96 5.99
C PHE A 69 -5.22 -1.32 4.62
N GLU A 70 -6.43 -1.37 4.07
CA GLU A 70 -6.67 -0.84 2.74
C GLU A 70 -6.47 0.67 2.69
N GLU A 71 -6.74 1.38 3.79
CA GLU A 71 -6.51 2.82 3.81
C GLU A 71 -5.05 3.15 3.53
N ASP A 72 -4.13 2.40 4.14
CA ASP A 72 -2.72 2.71 3.90
C ASP A 72 -2.29 2.30 2.50
N PHE A 73 -2.82 1.19 1.99
CA PHE A 73 -2.58 0.86 0.58
C PHE A 73 -3.04 1.99 -0.32
N ASN A 74 -4.23 2.52 -0.06
CA ASN A 74 -4.77 3.58 -0.91
C ASN A 74 -3.91 4.83 -0.83
N LEU A 75 -3.26 5.07 0.32
CA LEU A 75 -2.34 6.19 0.45
C LEU A 75 -1.13 6.01 -0.45
N ILE A 76 -0.56 4.80 -0.50
CA ILE A 76 0.56 4.55 -1.40
C ILE A 76 0.19 4.97 -2.82
N VAL A 77 -0.98 4.52 -3.28
CA VAL A 77 -1.44 4.82 -4.64
C VAL A 77 -1.71 6.31 -4.81
N SER A 78 -2.53 6.88 -3.92
CA SER A 78 -2.97 8.25 -4.14
CA SER A 78 -2.98 8.25 -4.13
C SER A 78 -1.83 9.24 -4.01
N ASN A 79 -0.89 8.99 -3.08
CA ASN A 79 0.25 9.90 -2.96
C ASN A 79 1.05 9.93 -4.26
N CYS A 80 1.20 8.77 -4.89
CA CYS A 80 2.01 8.66 -6.09
C CYS A 80 1.33 9.32 -7.28
N LEU A 81 0.01 9.14 -7.42
CA LEU A 81 -0.74 9.84 -8.45
C LEU A 81 -0.67 11.35 -8.22
N LYS A 82 -0.74 11.78 -6.97
CA LYS A 82 -0.75 13.21 -6.69
C LYS A 82 0.61 13.84 -7.02
N TYR A 83 1.69 13.20 -6.58
CA TYR A 83 3.01 13.83 -6.68
C TYR A 83 3.55 13.81 -8.10
N ASN A 84 3.35 12.73 -8.84
CA ASN A 84 4.05 12.51 -10.10
C ASN A 84 3.18 12.90 -11.29
N ALA A 85 3.82 13.43 -12.33
CA ALA A 85 3.11 13.81 -13.53
C ALA A 85 2.54 12.58 -14.22
N LYS A 86 1.44 12.77 -14.95
CA LYS A 86 0.76 11.66 -15.59
C LYS A 86 1.65 10.95 -16.59
N ASP A 87 2.58 11.66 -17.21
CA ASP A 87 3.40 11.06 -18.24
C ASP A 87 4.61 10.31 -17.71
N THR A 88 4.63 9.88 -16.45
CA THR A 88 5.78 9.22 -15.87
C THR A 88 5.51 7.75 -15.61
N ILE A 89 6.59 6.97 -15.55
CA ILE A 89 6.49 5.58 -15.12
C ILE A 89 5.90 5.50 -13.72
N PHE A 90 6.30 6.39 -12.82
CA PHE A 90 5.81 6.32 -11.45
C PHE A 90 4.29 6.46 -11.39
N TYR A 91 3.74 7.43 -12.11
CA TYR A 91 2.29 7.60 -12.12
C TYR A 91 1.61 6.36 -12.65
N ARG A 92 2.10 5.82 -13.76
N ARG A 92 2.09 5.83 -13.78
CA ARG A 92 1.45 4.65 -14.35
CA ARG A 92 1.45 4.65 -14.35
C ARG A 92 1.62 3.42 -13.46
C ARG A 92 1.60 3.44 -13.43
N ALA A 93 2.71 3.35 -12.70
CA ALA A 93 2.89 2.25 -11.76
C ALA A 93 1.86 2.30 -10.64
N ALA A 94 1.47 3.50 -10.22
CA ALA A 94 0.40 3.61 -9.23
C ALA A 94 -0.94 3.19 -9.82
N VAL A 95 -1.21 3.55 -11.07
CA VAL A 95 -2.44 3.09 -11.72
C VAL A 95 -2.45 1.57 -11.79
N ARG A 96 -1.34 0.97 -12.21
CA ARG A 96 -1.26 -0.48 -12.33
C ARG A 96 -1.43 -1.13 -10.97
N LEU A 97 -0.81 -0.57 -9.94
CA LEU A 97 -0.96 -1.12 -8.60
C LEU A 97 -2.40 -1.00 -8.11
N ARG A 98 -3.05 0.13 -8.37
CA ARG A 98 -4.45 0.29 -8.00
C ARG A 98 -5.30 -0.81 -8.62
N GLU A 99 -5.09 -1.08 -9.92
CA GLU A 99 -5.89 -2.08 -10.62
C GLU A 99 -5.55 -3.48 -10.12
N GLN A 100 -4.27 -3.86 -10.21
CA GLN A 100 -3.89 -5.22 -9.86
C GLN A 100 -3.96 -5.45 -8.36
N GLY A 101 -3.55 -4.47 -7.56
CA GLY A 101 -3.64 -4.62 -6.11
C GLY A 101 -5.07 -4.57 -5.62
N GLY A 102 -5.93 -3.82 -6.29
CA GLY A 102 -7.34 -3.84 -5.95
C GLY A 102 -7.93 -5.24 -5.99
N ALA A 103 -7.56 -6.02 -7.02
CA ALA A 103 -8.10 -7.38 -7.13
C ALA A 103 -7.62 -8.27 -5.99
N VAL A 104 -6.34 -8.16 -5.65
CA VAL A 104 -5.80 -8.84 -4.47
C VAL A 104 -6.60 -8.47 -3.23
N LEU A 105 -6.87 -7.18 -3.05
CA LEU A 105 -7.53 -6.69 -1.85
C LEU A 105 -8.97 -7.17 -1.77
N ARG A 106 -9.66 -7.24 -2.89
CA ARG A 106 -11.06 -7.65 -2.84
C ARG A 106 -11.18 -9.11 -2.43
N GLN A 107 -10.31 -9.98 -2.94
CA GLN A 107 -10.37 -11.38 -2.53
C GLN A 107 -9.96 -11.55 -1.06
N ALA A 108 -8.97 -10.79 -0.60
CA ALA A 108 -8.55 -10.90 0.79
C ALA A 108 -9.64 -10.41 1.74
N ARG A 109 -10.31 -9.30 1.39
CA ARG A 109 -11.40 -8.82 2.23
C ARG A 109 -12.50 -9.87 2.34
N ARG A 110 -12.81 -10.56 1.24
CA ARG A 110 -13.80 -11.62 1.26
C ARG A 110 -13.38 -12.74 2.21
N GLN A 111 -12.09 -13.07 2.25
CA GLN A 111 -11.62 -14.06 3.20
C GLN A 111 -11.82 -13.59 4.64
N ALA A 112 -11.53 -12.31 4.90
CA ALA A 112 -11.72 -11.77 6.24
C ALA A 112 -13.19 -11.81 6.65
N GLU A 113 -14.09 -11.57 5.68
CA GLU A 113 -15.53 -11.61 5.96
C GLU A 113 -16.00 -13.02 6.31
N LYS A 114 -15.31 -14.05 5.84
CA LYS A 114 -15.65 -15.43 6.20
C LYS A 114 -15.18 -15.80 7.61
N MET A 115 -14.38 -14.96 8.24
CA MET A 115 -13.92 -15.19 9.61
C MET A 115 -14.97 -14.70 10.59
CAB 5RO B . 12.89 8.65 -6.05
CAJ 5RO B . 11.59 9.13 -6.19
CAE 5RO B . 11.38 10.42 -6.66
CAD 5RO B . 10.06 10.87 -6.78
CAF 5RO B . 9.03 10.00 -6.46
CAL 5RO B . 9.29 8.77 -6.02
CAM 5RO B . 10.56 8.34 -5.89
NAH 5RO B . 10.53 7.08 -5.45
CAG 5RO B . 9.26 6.72 -5.30
CAK 5RO B . 8.50 7.75 -5.64
CAI 5RO B . 7.16 7.73 -5.60
OAC 5RO B . 6.44 8.71 -5.79
CAA 5RO B . 6.55 6.36 -5.27
N NO3 C . -5.72 7.46 -13.19
O1 NO3 C . -6.91 6.46 -13.47
O2 NO3 C . -5.31 7.65 -11.96
O3 NO3 C . -5.14 8.21 -14.19
#